data_4QQ2
#
_entry.id   4QQ2
#
_cell.length_a   53.072
_cell.length_b   71.414
_cell.length_c   85.972
_cell.angle_alpha   90.00
_cell.angle_beta   90.00
_cell.angle_gamma   90.00
#
_symmetry.space_group_name_H-M   'P 21 21 21'
#
loop_
_entity.id
_entity.type
_entity.pdbx_description
1 polymer 'C1q-related factor'
2 non-polymer 'CADMIUM ION'
3 water water
#
_entity_poly.entity_id   1
_entity_poly.type   'polypeptide(L)'
_entity_poly.pdbx_seq_one_letter_code
;ATYTTVPRVAFYAGLKNPHEGYEVLKFDDVVTNLGNNYDAASGKFTCNIPGTYFFTYHVLMRGGDGTSMWADLCKNGQVR
ASAIAQDADQNYDYASNSVILHLDAGDEVFIKLDGGKAHGGNSNKYSTFSGFIIYSD
;
_entity_poly.pdbx_strand_id   A,B,C
#
loop_
_chem_comp.id
_chem_comp.type
_chem_comp.name
_chem_comp.formula
CD non-polymer 'CADMIUM ION' 'Cd 2'
#
# COMPACT_ATOMS: atom_id res chain seq x y z
N PRO A 7 -18.08 0.08 -14.77
CA PRO A 7 -17.61 -1.07 -15.55
C PRO A 7 -16.70 -1.95 -14.71
N ARG A 8 -16.63 -3.21 -15.09
CA ARG A 8 -15.89 -4.18 -14.32
C ARG A 8 -14.47 -4.23 -14.88
N VAL A 9 -13.57 -3.45 -14.29
CA VAL A 9 -12.18 -3.45 -14.73
C VAL A 9 -11.27 -3.48 -13.51
N ALA A 10 -10.64 -4.62 -13.27
CA ALA A 10 -9.76 -4.79 -12.10
C ALA A 10 -8.80 -5.96 -12.31
N PHE A 11 -7.56 -5.81 -11.84
CA PHE A 11 -6.59 -6.88 -12.01
C PHE A 11 -5.63 -6.99 -10.83
N TYR A 12 -5.01 -8.15 -10.71
CA TYR A 12 -4.06 -8.41 -9.65
C TYR A 12 -3.13 -9.51 -10.14
N ALA A 13 -1.83 -9.22 -10.18
CA ALA A 13 -0.87 -10.17 -10.69
C ALA A 13 0.42 -10.16 -9.90
N GLY A 14 1.07 -11.33 -9.83
CA GLY A 14 2.35 -11.46 -9.17
C GLY A 14 3.46 -11.66 -10.19
N LEU A 15 4.68 -11.40 -9.77
CA LEU A 15 5.84 -11.57 -10.65
C LEU A 15 6.36 -13.01 -10.52
N LYS A 16 6.34 -13.79 -11.60
CA LYS A 16 6.72 -15.21 -11.48
C LYS A 16 8.22 -15.46 -11.57
N ASN A 17 8.94 -14.51 -12.17
CA ASN A 17 10.36 -14.72 -12.42
C ASN A 17 11.17 -13.54 -11.90
N PRO A 18 12.42 -13.78 -11.51
CA PRO A 18 13.31 -12.66 -11.16
C PRO A 18 13.66 -11.77 -12.36
N HIS A 19 13.84 -10.49 -12.10
CA HIS A 19 14.25 -9.54 -13.14
C HIS A 19 15.24 -8.55 -12.56
N GLU A 20 16.19 -8.11 -13.39
CA GLU A 20 17.25 -7.24 -12.92
C GLU A 20 17.68 -6.25 -14.00
N GLY A 21 16.79 -5.99 -14.95
CA GLY A 21 17.10 -5.09 -16.05
C GLY A 21 16.36 -3.77 -15.96
N TYR A 22 16.69 -2.86 -16.87
CA TYR A 22 15.96 -1.60 -17.00
C TYR A 22 14.82 -1.86 -17.96
N GLU A 23 13.70 -2.28 -17.41
CA GLU A 23 12.68 -2.95 -18.20
C GLU A 23 11.29 -2.86 -17.57
N VAL A 24 10.27 -3.13 -18.37
CA VAL A 24 8.92 -3.26 -17.82
C VAL A 24 8.81 -4.59 -17.10
N LEU A 25 8.31 -4.58 -15.87
CA LEU A 25 8.13 -5.80 -15.09
C LEU A 25 6.91 -6.57 -15.57
N LYS A 26 7.11 -7.79 -16.05
CA LYS A 26 6.01 -8.59 -16.57
C LYS A 26 5.40 -9.45 -15.50
N PHE A 27 4.43 -8.90 -14.77
CA PHE A 27 3.71 -9.67 -13.76
C PHE A 27 2.86 -10.73 -14.45
N ASP A 28 3.27 -11.99 -14.35
CA ASP A 28 2.63 -13.03 -15.16
C ASP A 28 1.89 -14.10 -14.35
N ASP A 29 1.90 -13.97 -13.03
CA ASP A 29 1.07 -14.80 -12.17
C ASP A 29 -0.26 -14.08 -11.95
N VAL A 30 -1.17 -14.24 -12.90
CA VAL A 30 -2.38 -13.41 -12.93
C VAL A 30 -3.49 -14.07 -12.12
N VAL A 31 -3.96 -13.37 -11.10
CA VAL A 31 -4.99 -13.89 -10.20
C VAL A 31 -6.37 -13.36 -10.59
N THR A 32 -6.41 -12.08 -10.94
CA THR A 32 -7.66 -11.40 -11.30
C THR A 32 -7.41 -10.55 -12.54
N ASN A 33 -8.39 -10.49 -13.45
CA ASN A 33 -8.26 -9.70 -14.69
C ASN A 33 -9.63 -9.39 -15.32
N LEU A 34 -10.53 -8.82 -14.53
CA LEU A 34 -11.84 -8.41 -15.04
C LEU A 34 -11.68 -7.34 -16.10
N GLY A 35 -12.26 -7.56 -17.27
CA GLY A 35 -12.09 -6.63 -18.39
C GLY A 35 -10.96 -7.06 -19.30
N ASN A 36 -10.07 -7.90 -18.78
CA ASN A 36 -8.88 -8.37 -19.49
C ASN A 36 -8.08 -7.26 -20.12
N ASN A 37 -7.93 -6.16 -19.39
CA ASN A 37 -7.16 -5.04 -19.87
C ASN A 37 -5.71 -5.13 -19.41
N TYR A 38 -5.41 -6.07 -18.50
CA TYR A 38 -4.01 -6.35 -18.17
C TYR A 38 -3.44 -7.49 -19.04
N ASP A 39 -2.24 -7.29 -19.57
CA ASP A 39 -1.64 -8.25 -20.47
C ASP A 39 -0.32 -8.77 -19.90
N ALA A 40 -0.30 -10.03 -19.49
CA ALA A 40 0.90 -10.61 -18.85
C ALA A 40 2.10 -10.67 -19.81
N ALA A 41 1.84 -10.64 -21.10
CA ALA A 41 2.92 -10.73 -22.08
C ALA A 41 3.74 -9.44 -22.16
N SER A 42 3.08 -8.30 -22.00
CA SER A 42 3.72 -7.00 -22.13
C SER A 42 4.02 -6.39 -20.76
N GLY A 43 3.28 -6.84 -19.75
CA GLY A 43 3.37 -6.29 -18.41
C GLY A 43 2.51 -5.06 -18.23
N LYS A 44 1.69 -4.75 -19.24
CA LYS A 44 0.97 -3.49 -19.21
C LYS A 44 -0.54 -3.62 -19.06
N PHE A 45 -1.11 -2.68 -18.31
CA PHE A 45 -2.54 -2.45 -18.31
C PHE A 45 -2.85 -1.42 -19.39
N THR A 46 -3.79 -1.74 -20.28
CA THR A 46 -4.17 -0.80 -21.32
C THR A 46 -5.60 -0.37 -21.09
N CYS A 47 -5.80 0.93 -20.90
CA CYS A 47 -7.13 1.48 -20.64
C CYS A 47 -8.00 1.44 -21.88
N ASN A 48 -9.24 1.01 -21.70
CA ASN A 48 -10.19 0.96 -22.78
C ASN A 48 -11.48 1.69 -22.42
N ILE A 49 -11.61 1.99 -21.14
CA ILE A 49 -12.71 2.82 -20.65
C ILE A 49 -12.12 4.04 -19.95
N PRO A 50 -12.34 5.23 -20.52
CA PRO A 50 -11.79 6.41 -19.88
C PRO A 50 -12.35 6.61 -18.49
N GLY A 51 -11.50 7.04 -17.57
CA GLY A 51 -11.97 7.32 -16.23
C GLY A 51 -10.84 7.45 -15.22
N THR A 52 -11.18 7.22 -13.96
CA THR A 52 -10.23 7.38 -12.86
C THR A 52 -9.94 6.02 -12.26
N TYR A 53 -8.65 5.72 -12.12
CA TYR A 53 -8.18 4.39 -11.75
C TYR A 53 -7.23 4.42 -10.56
N PHE A 54 -7.29 3.40 -9.73
CA PHE A 54 -6.35 3.22 -8.64
C PHE A 54 -5.37 2.13 -9.05
N PHE A 55 -4.10 2.34 -8.75
CA PHE A 55 -3.06 1.33 -8.98
C PHE A 55 -2.17 1.24 -7.76
N THR A 56 -1.67 0.04 -7.48
CA THR A 56 -0.66 -0.10 -6.43
C THR A 56 0.33 -1.19 -6.81
N TYR A 57 1.56 -1.07 -6.30
CA TYR A 57 2.55 -2.12 -6.55
C TYR A 57 3.42 -2.36 -5.36
N HIS A 58 3.90 -3.59 -5.26
CA HIS A 58 4.80 -4.01 -4.19
C HIS A 58 5.87 -4.88 -4.79
N VAL A 59 7.07 -4.35 -4.99
CA VAL A 59 8.14 -5.14 -5.57
C VAL A 59 9.22 -5.45 -4.54
N LEU A 60 9.44 -6.74 -4.32
CA LEU A 60 10.42 -7.21 -3.36
C LEU A 60 11.82 -7.18 -3.95
N MET A 61 12.75 -6.53 -3.26
CA MET A 61 14.16 -6.55 -3.70
C MET A 61 14.76 -7.92 -3.41
N ARG A 62 15.53 -8.43 -4.37
CA ARG A 62 16.21 -9.71 -4.20
CA ARG A 62 16.21 -9.70 -4.20
C ARG A 62 17.10 -9.65 -2.96
N GLY A 63 17.07 -10.71 -2.14
CA GLY A 63 17.89 -10.74 -0.95
C GLY A 63 19.25 -11.35 -1.18
N GLY A 64 20.25 -10.90 -0.43
CA GLY A 64 21.59 -11.47 -0.48
C GLY A 64 22.40 -11.18 -1.73
N ASP A 65 22.03 -10.12 -2.45
CA ASP A 65 22.57 -9.86 -3.77
C ASP A 65 22.31 -8.43 -4.18
N GLY A 66 22.96 -7.48 -3.52
CA GLY A 66 22.80 -6.08 -3.88
C GLY A 66 22.12 -5.26 -2.80
N THR A 67 22.19 -3.94 -2.92
CA THR A 67 21.78 -3.11 -1.79
C THR A 67 20.65 -2.14 -2.13
N SER A 68 20.45 -1.84 -3.42
CA SER A 68 19.38 -0.91 -3.82
C SER A 68 18.59 -1.41 -5.02
N MET A 69 17.30 -1.10 -5.03
CA MET A 69 16.41 -1.44 -6.14
CA MET A 69 16.41 -1.44 -6.15
C MET A 69 15.36 -0.34 -6.32
N TRP A 70 15.09 0.05 -7.57
CA TRP A 70 14.08 1.08 -7.85
C TRP A 70 12.98 0.52 -8.73
N ALA A 71 11.73 0.84 -8.39
CA ALA A 71 10.59 0.43 -9.21
C ALA A 71 9.65 1.60 -9.35
N ASP A 72 9.28 1.94 -10.58
CA ASP A 72 8.43 3.11 -10.82
C ASP A 72 7.16 2.74 -11.57
N LEU A 73 6.06 3.39 -11.23
CA LEU A 73 4.85 3.22 -11.99
C LEU A 73 4.84 4.28 -13.09
N CYS A 74 4.58 3.85 -14.31
CA CYS A 74 4.55 4.77 -15.44
C CYS A 74 3.19 4.80 -16.11
N LYS A 75 2.83 5.97 -16.64
CA LYS A 75 1.65 6.10 -17.47
C LYS A 75 2.16 6.40 -18.87
N ASN A 76 1.83 5.51 -19.80
CA ASN A 76 2.47 5.50 -21.09
C ASN A 76 3.96 5.39 -20.72
N GLY A 77 4.88 6.22 -21.13
CA GLY A 77 6.22 5.90 -20.61
C GLY A 77 6.69 6.78 -19.46
N GLN A 78 5.74 7.47 -18.85
CA GLN A 78 6.03 8.62 -18.01
C GLN A 78 5.86 8.32 -16.53
N VAL A 79 6.88 8.65 -15.75
CA VAL A 79 6.87 8.36 -14.30
C VAL A 79 5.70 9.05 -13.61
N ARG A 80 4.89 8.27 -12.90
CA ARG A 80 3.80 8.83 -12.12
C ARG A 80 3.95 8.52 -10.62
N ALA A 81 4.81 7.56 -10.31
CA ALA A 81 5.24 7.27 -8.95
C ALA A 81 6.58 6.57 -8.98
N SER A 82 7.38 6.79 -7.94
CA SER A 82 8.67 6.15 -7.83
C SER A 82 8.81 5.50 -6.46
N ALA A 83 9.66 4.47 -6.39
CA ALA A 83 9.93 3.81 -5.12
C ALA A 83 11.33 3.23 -5.13
N ILE A 84 11.89 3.11 -3.93
CA ILE A 84 13.21 2.53 -3.75
C ILE A 84 13.16 1.54 -2.60
N ALA A 85 13.86 0.42 -2.78
CA ALA A 85 14.23 -0.49 -1.71
C ALA A 85 15.74 -0.38 -1.48
N GLN A 86 16.16 -0.26 -0.23
CA GLN A 86 17.58 -0.12 0.07
C GLN A 86 17.95 -0.73 1.42
N ASP A 87 18.99 -1.55 1.41
CA ASP A 87 19.52 -2.10 2.65
C ASP A 87 20.98 -2.48 2.49
N ALA A 88 21.83 -1.86 3.29
CA ALA A 88 23.28 -2.03 3.18
C ALA A 88 23.75 -3.47 3.46
N ASP A 89 22.94 -4.22 4.22
CA ASP A 89 23.24 -5.60 4.56
C ASP A 89 22.63 -6.60 3.59
N GLN A 90 22.14 -6.09 2.46
CA GLN A 90 21.50 -6.89 1.43
C GLN A 90 20.30 -7.67 1.97
N ASN A 91 19.60 -7.08 2.95
CA ASN A 91 18.36 -7.67 3.41
C ASN A 91 17.25 -7.41 2.40
N TYR A 92 16.26 -8.29 2.40
CA TYR A 92 15.01 -8.04 1.68
C TYR A 92 14.42 -6.71 2.09
N ASP A 93 13.82 -6.01 1.14
CA ASP A 93 13.04 -4.83 1.44
C ASP A 93 12.19 -4.53 0.21
N TYR A 94 11.19 -3.69 0.37
CA TYR A 94 10.22 -3.45 -0.72
C TYR A 94 10.25 -2.05 -1.34
N ALA A 95 10.10 -2.03 -2.66
CA ALA A 95 9.78 -0.79 -3.39
C ALA A 95 8.31 -0.79 -3.72
N SER A 96 7.55 0.09 -3.07
CA SER A 96 6.10 0.02 -3.08
C SER A 96 5.50 1.41 -3.18
N ASN A 97 4.43 1.56 -3.94
CA ASN A 97 3.73 2.85 -4.01
C ASN A 97 2.33 2.67 -4.61
N SER A 98 1.52 3.71 -4.53
CA SER A 98 0.11 3.68 -4.97
C SER A 98 -0.21 5.00 -5.66
N VAL A 99 -1.04 4.95 -6.70
CA VAL A 99 -1.46 6.15 -7.42
C VAL A 99 -2.96 6.15 -7.69
N ILE A 100 -3.47 7.34 -8.01
CA ILE A 100 -4.78 7.49 -8.61
C ILE A 100 -4.59 8.33 -9.86
N LEU A 101 -4.96 7.77 -11.01
CA LEU A 101 -4.72 8.42 -12.29
C LEU A 101 -5.96 8.47 -13.14
N HIS A 102 -6.14 9.57 -13.85
CA HIS A 102 -7.14 9.58 -14.89
C HIS A 102 -6.52 9.03 -16.17
N LEU A 103 -7.24 8.13 -16.83
CA LEU A 103 -6.77 7.48 -18.05
C LEU A 103 -7.73 7.67 -19.22
N ASP A 104 -7.16 7.74 -20.43
CA ASP A 104 -7.90 7.88 -21.69
C ASP A 104 -7.81 6.52 -22.35
N ALA A 105 -8.72 6.21 -23.27
CA ALA A 105 -8.60 4.98 -24.05
C ALA A 105 -7.25 4.88 -24.75
N GLY A 106 -6.60 3.73 -24.64
CA GLY A 106 -5.28 3.54 -25.25
C GLY A 106 -4.10 3.84 -24.35
N ASP A 107 -4.36 4.45 -23.19
CA ASP A 107 -3.30 4.71 -22.22
C ASP A 107 -2.78 3.43 -21.59
N GLU A 108 -1.49 3.42 -21.30
CA GLU A 108 -0.88 2.25 -20.70
C GLU A 108 -0.31 2.56 -19.32
N VAL A 109 -0.48 1.63 -18.39
CA VAL A 109 0.07 1.80 -17.05
C VAL A 109 0.85 0.54 -16.69
N PHE A 110 2.03 0.71 -16.12
CA PHE A 110 2.89 -0.43 -15.87
C PHE A 110 4.01 -0.05 -14.91
N ILE A 111 4.72 -1.06 -14.42
CA ILE A 111 5.81 -0.86 -13.49
C ILE A 111 7.14 -1.13 -14.21
N LYS A 112 8.05 -0.16 -14.12
CA LYS A 112 9.38 -0.34 -14.66
C LYS A 112 10.40 -0.52 -13.55
N LEU A 113 11.23 -1.52 -13.71
CA LEU A 113 12.39 -1.69 -12.85
C LEU A 113 13.45 -0.70 -13.32
N ASP A 114 13.94 0.11 -12.40
CA ASP A 114 14.86 1.18 -12.80
C ASP A 114 16.19 1.09 -12.04
N GLY A 115 16.72 -0.11 -11.98
CA GLY A 115 18.00 -0.30 -11.32
C GLY A 115 17.80 -1.34 -10.25
N GLY A 116 18.77 -2.23 -10.13
CA GLY A 116 18.70 -3.22 -9.08
C GLY A 116 18.02 -4.51 -9.48
N LYS A 117 17.80 -5.37 -8.50
CA LYS A 117 17.30 -6.72 -8.76
CA LYS A 117 17.31 -6.73 -8.74
C LYS A 117 16.02 -7.00 -7.99
N ALA A 118 14.99 -7.46 -8.71
CA ALA A 118 13.70 -7.76 -8.11
C ALA A 118 13.46 -9.25 -8.01
N HIS A 119 12.74 -9.62 -6.96
CA HIS A 119 12.34 -10.99 -6.77
C HIS A 119 11.09 -11.32 -7.56
N GLY A 120 11.09 -12.46 -8.23
CA GLY A 120 9.87 -13.06 -8.75
C GLY A 120 9.90 -14.55 -8.42
N GLY A 121 8.73 -15.15 -8.24
CA GLY A 121 8.65 -16.55 -7.88
C GLY A 121 7.32 -17.19 -8.28
N ASN A 122 7.27 -18.51 -8.21
CA ASN A 122 6.22 -19.28 -8.87
C ASN A 122 4.76 -19.00 -8.47
N SER A 123 4.49 -18.84 -7.17
CA SER A 123 3.10 -18.78 -6.71
C SER A 123 2.87 -18.03 -5.39
N ASN A 124 3.93 -17.66 -4.70
CA ASN A 124 3.83 -16.96 -3.41
C ASN A 124 3.42 -15.50 -3.50
N LYS A 125 3.57 -14.90 -4.68
CA LYS A 125 3.13 -13.52 -4.91
C LYS A 125 3.70 -12.52 -3.90
N TYR A 126 5.02 -12.56 -3.72
CA TYR A 126 5.73 -11.53 -2.96
C TYR A 126 5.76 -10.18 -3.68
N SER A 127 5.95 -10.24 -5.01
CA SER A 127 6.01 -9.04 -5.83
C SER A 127 4.74 -8.91 -6.68
N THR A 128 4.02 -7.80 -6.50
CA THR A 128 2.67 -7.68 -7.03
C THR A 128 2.34 -6.33 -7.69
N PHE A 129 1.25 -6.33 -8.45
CA PHE A 129 0.76 -5.17 -9.19
C PHE A 129 -0.76 -5.34 -9.27
N SER A 130 -1.51 -4.32 -8.87
CA SER A 130 -2.95 -4.38 -9.04
CA SER A 130 -2.98 -4.35 -8.92
C SER A 130 -3.52 -3.01 -9.37
N GLY A 131 -4.79 -3.01 -9.77
CA GLY A 131 -5.46 -1.78 -10.11
C GLY A 131 -6.93 -2.00 -10.39
N PHE A 132 -7.71 -0.93 -10.27
CA PHE A 132 -9.12 -1.00 -10.60
C PHE A 132 -9.67 0.36 -10.97
N ILE A 133 -10.78 0.38 -11.69
CA ILE A 133 -11.40 1.63 -12.05
C ILE A 133 -12.26 2.13 -10.90
N ILE A 134 -12.15 3.42 -10.58
CA ILE A 134 -12.95 4.05 -9.53
C ILE A 134 -14.19 4.71 -10.15
N TYR A 135 -13.96 5.45 -11.25
CA TYR A 135 -15.02 6.14 -11.99
C TYR A 135 -14.89 5.97 -13.48
N SER A 136 -16.04 5.93 -14.18
CA SER A 136 -16.16 6.09 -15.63
C SER A 136 -16.44 7.52 -16.11
N ASP A 137 -15.61 8.02 -17.01
CA ASP A 137 -15.81 9.35 -17.59
C ASP A 137 -16.34 9.21 -19.00
N PRO B 7 -24.05 -2.64 -2.49
CA PRO B 7 -23.86 -2.99 -1.07
C PRO B 7 -22.74 -2.19 -0.41
N ARG B 8 -22.81 -2.01 0.90
CA ARG B 8 -21.67 -1.45 1.63
C ARG B 8 -20.91 -2.58 2.29
N VAL B 9 -19.66 -2.78 1.87
CA VAL B 9 -18.78 -3.73 2.54
C VAL B 9 -17.37 -3.13 2.59
N ALA B 10 -16.91 -2.77 3.77
CA ALA B 10 -15.61 -2.11 3.90
C ALA B 10 -15.15 -2.16 5.35
N PHE B 11 -13.88 -2.48 5.58
CA PHE B 11 -13.42 -2.59 6.96
C PHE B 11 -11.98 -2.10 7.09
N TYR B 12 -11.61 -1.68 8.28
CA TYR B 12 -10.27 -1.21 8.59
C TYR B 12 -10.03 -1.49 10.05
N ALA B 13 -8.96 -2.22 10.36
CA ALA B 13 -8.71 -2.55 11.75
C ALA B 13 -7.23 -2.55 12.05
N GLY B 14 -6.90 -2.26 13.30
CA GLY B 14 -5.52 -2.26 13.73
C GLY B 14 -5.25 -3.35 14.75
N LEU B 15 -3.97 -3.70 14.90
CA LEU B 15 -3.56 -4.72 15.86
C LEU B 15 -3.22 -4.10 17.23
N LYS B 16 -3.93 -4.51 18.28
CA LYS B 16 -3.81 -3.89 19.61
C LYS B 16 -2.78 -4.54 20.51
N ASN B 17 -2.26 -5.65 20.03
CA ASN B 17 -1.71 -6.75 20.81
C ASN B 17 -0.57 -7.48 20.09
N PRO B 18 0.59 -7.59 20.75
CA PRO B 18 1.71 -8.28 20.09
C PRO B 18 1.38 -9.75 19.81
N HIS B 19 1.99 -10.24 18.74
CA HIS B 19 1.81 -11.60 18.30
C HIS B 19 3.06 -12.07 17.56
N GLU B 20 3.22 -13.37 17.45
CA GLU B 20 4.44 -13.93 16.87
C GLU B 20 4.20 -15.37 16.43
N GLY B 21 5.08 -15.87 15.60
CA GLY B 21 5.04 -17.26 15.21
C GLY B 21 4.22 -17.47 13.96
N TYR B 22 3.43 -18.53 13.98
CA TYR B 22 2.65 -18.97 12.82
C TYR B 22 1.19 -19.02 13.21
N GLU B 23 0.48 -17.93 12.93
CA GLU B 23 -0.89 -17.81 13.40
C GLU B 23 -1.61 -16.72 12.63
N VAL B 24 -2.93 -16.82 12.64
CA VAL B 24 -3.78 -15.76 12.11
C VAL B 24 -3.65 -14.52 12.99
N LEU B 25 -3.38 -13.38 12.36
CA LEU B 25 -3.35 -12.10 13.05
C LEU B 25 -4.73 -11.55 13.31
N LYS B 26 -5.10 -11.44 14.57
CA LYS B 26 -6.41 -10.92 14.89
C LYS B 26 -6.37 -9.42 15.15
N PHE B 27 -6.57 -8.64 14.11
CA PHE B 27 -6.67 -7.19 14.24
C PHE B 27 -7.94 -6.89 15.02
N ASP B 28 -7.81 -6.23 16.16
CA ASP B 28 -8.95 -6.07 17.07
C ASP B 28 -9.40 -4.62 17.34
N ASP B 29 -8.63 -3.64 16.90
CA ASP B 29 -9.06 -2.25 16.98
C ASP B 29 -9.84 -1.97 15.71
N VAL B 30 -11.13 -2.28 15.70
CA VAL B 30 -11.89 -2.17 14.46
C VAL B 30 -12.43 -0.75 14.29
N VAL B 31 -11.96 -0.06 13.26
CA VAL B 31 -12.36 1.33 13.02
C VAL B 31 -13.62 1.39 12.15
N THR B 32 -13.59 0.66 11.04
CA THR B 32 -14.69 0.61 10.11
C THR B 32 -15.07 -0.85 9.89
N ASN B 33 -16.36 -1.15 9.83
CA ASN B 33 -16.77 -2.52 9.53
C ASN B 33 -18.16 -2.54 8.91
N LEU B 34 -18.30 -1.78 7.82
CA LEU B 34 -19.58 -1.73 7.11
C LEU B 34 -19.85 -3.10 6.49
N GLY B 35 -21.06 -3.60 6.68
CA GLY B 35 -21.35 -4.94 6.22
C GLY B 35 -21.18 -5.97 7.33
N ASN B 36 -20.40 -5.61 8.34
CA ASN B 36 -20.14 -6.46 9.50
C ASN B 36 -19.60 -7.83 9.12
N ASN B 37 -18.67 -7.84 8.18
CA ASN B 37 -18.16 -9.08 7.65
C ASN B 37 -16.74 -9.37 8.13
N TYR B 38 -16.13 -8.40 8.81
CA TYR B 38 -14.86 -8.67 9.49
C TYR B 38 -15.13 -9.02 10.96
N ASP B 39 -14.50 -10.10 11.41
CA ASP B 39 -14.67 -10.61 12.77
C ASP B 39 -13.35 -10.51 13.54
N ALA B 40 -13.27 -9.55 14.46
CA ALA B 40 -12.06 -9.37 15.24
C ALA B 40 -11.73 -10.58 16.12
N ALA B 41 -12.76 -11.35 16.51
CA ALA B 41 -12.51 -12.49 17.39
C ALA B 41 -11.69 -13.58 16.71
N SER B 42 -11.74 -13.63 15.38
CA SER B 42 -11.05 -14.67 14.63
C SER B 42 -9.98 -14.10 13.71
N GLY B 43 -10.07 -12.79 13.45
CA GLY B 43 -9.18 -12.12 12.52
C GLY B 43 -9.59 -12.33 11.08
N LYS B 44 -10.76 -12.91 10.86
CA LYS B 44 -11.14 -13.25 9.50
C LYS B 44 -12.22 -12.35 8.94
N PHE B 45 -12.08 -12.03 7.66
CA PHE B 45 -13.15 -11.45 6.88
C PHE B 45 -13.89 -12.60 6.22
N THR B 46 -15.20 -12.70 6.41
CA THR B 46 -15.98 -13.76 5.79
C THR B 46 -16.93 -13.14 4.79
N CYS B 47 -16.85 -13.58 3.55
CA CYS B 47 -17.66 -13.03 2.50
C CYS B 47 -19.13 -13.37 2.71
N ASN B 48 -19.96 -12.34 2.63
CA ASN B 48 -21.41 -12.50 2.56
C ASN B 48 -21.87 -12.28 1.11
N ILE B 49 -21.54 -11.12 0.57
CA ILE B 49 -21.89 -10.75 -0.79
C ILE B 49 -20.83 -11.23 -1.77
N PRO B 50 -21.15 -12.22 -2.62
CA PRO B 50 -20.18 -12.66 -3.62
C PRO B 50 -19.73 -11.49 -4.48
N GLY B 51 -18.44 -11.40 -4.75
CA GLY B 51 -17.95 -10.33 -5.60
C GLY B 51 -16.46 -10.17 -5.63
N THR B 52 -16.03 -9.00 -6.13
CA THR B 52 -14.63 -8.66 -6.29
C THR B 52 -14.21 -7.71 -5.17
N TYR B 53 -13.12 -8.04 -4.47
CA TYR B 53 -12.72 -7.33 -3.25
C TYR B 53 -11.28 -6.89 -3.29
N PHE B 54 -11.03 -5.66 -2.83
CA PHE B 54 -9.67 -5.19 -2.57
C PHE B 54 -9.30 -5.43 -1.10
N PHE B 55 -8.07 -5.90 -0.84
CA PHE B 55 -7.56 -6.00 0.54
C PHE B 55 -6.15 -5.44 0.59
N THR B 56 -5.77 -4.83 1.71
CA THR B 56 -4.39 -4.40 1.88
C THR B 56 -4.00 -4.60 3.33
N TYR B 57 -2.71 -4.81 3.58
CA TYR B 57 -2.23 -4.99 4.94
C TYR B 57 -0.85 -4.41 5.14
N HIS B 58 -0.57 -3.99 6.37
CA HIS B 58 0.71 -3.44 6.78
C HIS B 58 1.04 -4.00 8.14
N VAL B 59 2.00 -4.91 8.22
CA VAL B 59 2.34 -5.47 9.54
C VAL B 59 3.77 -5.06 9.94
N LEU B 60 3.87 -4.38 11.08
CA LEU B 60 5.12 -3.92 11.63
C LEU B 60 5.86 -5.04 12.36
N MET B 61 7.07 -5.33 11.91
CA MET B 61 7.96 -6.21 12.66
C MET B 61 8.44 -5.54 13.93
N ARG B 62 8.44 -6.26 15.05
CA ARG B 62 8.96 -5.74 16.30
CA ARG B 62 8.95 -5.70 16.29
C ARG B 62 10.44 -5.37 16.15
N GLY B 63 10.82 -4.21 16.67
CA GLY B 63 12.22 -3.82 16.60
C GLY B 63 12.98 -4.21 17.84
N GLY B 64 14.29 -4.35 17.71
CA GLY B 64 15.16 -4.64 18.84
C GLY B 64 15.15 -6.09 19.29
N ASP B 65 14.50 -6.96 18.53
CA ASP B 65 14.36 -8.37 18.91
C ASP B 65 13.99 -9.24 17.73
N GLY B 66 14.97 -9.58 16.91
CA GLY B 66 14.71 -10.43 15.75
C GLY B 66 15.03 -9.68 14.47
N THR B 67 15.25 -10.43 13.40
CA THR B 67 15.70 -9.85 12.13
C THR B 67 14.76 -10.11 10.95
N SER B 68 13.80 -11.02 11.11
CA SER B 68 12.91 -11.38 9.98
C SER B 68 11.49 -11.66 10.45
N MET B 69 10.53 -11.25 9.64
CA MET B 69 9.12 -11.53 9.90
CA MET B 69 9.12 -11.53 9.90
C MET B 69 8.38 -11.65 8.58
N TRP B 70 7.50 -12.64 8.48
CA TRP B 70 6.71 -12.89 7.28
C TRP B 70 5.24 -12.69 7.61
N ALA B 71 4.52 -12.06 6.68
CA ALA B 71 3.07 -11.91 6.83
C ALA B 71 2.42 -12.12 5.47
N ASP B 72 1.44 -13.03 5.41
CA ASP B 72 0.80 -13.40 4.16
C ASP B 72 -0.70 -13.15 4.24
N LEU B 73 -1.29 -12.76 3.12
CA LEU B 73 -2.73 -12.71 2.98
C LEU B 73 -3.20 -14.05 2.42
N CYS B 74 -4.15 -14.68 3.11
CA CYS B 74 -4.71 -15.95 2.69
C CYS B 74 -6.19 -15.85 2.37
N LYS B 75 -6.63 -16.66 1.40
CA LYS B 75 -8.04 -16.87 1.12
C LYS B 75 -8.34 -18.32 1.45
N ASN B 76 -9.19 -18.54 2.44
CA ASN B 76 -9.37 -19.86 3.02
C ASN B 76 -7.99 -20.37 3.41
N GLY B 77 -7.62 -21.60 3.11
CA GLY B 77 -6.26 -21.97 3.53
C GLY B 77 -5.08 -21.31 2.82
N GLN B 78 -5.36 -20.62 1.71
CA GLN B 78 -4.38 -20.48 0.63
C GLN B 78 -3.68 -19.12 0.51
N VAL B 79 -2.36 -19.12 0.41
CA VAL B 79 -1.63 -17.85 0.26
C VAL B 79 -2.02 -17.17 -1.06
N ARG B 80 -2.37 -15.88 -1.00
CA ARG B 80 -2.71 -15.13 -2.21
C ARG B 80 -1.80 -13.91 -2.38
N ALA B 81 -1.14 -13.52 -1.30
CA ALA B 81 -0.04 -12.57 -1.34
C ALA B 81 0.90 -12.83 -0.17
N SER B 82 2.19 -12.56 -0.37
CA SER B 82 3.15 -12.77 0.70
C SER B 82 3.96 -11.51 0.90
N ALA B 83 4.54 -11.34 2.09
CA ALA B 83 5.43 -10.22 2.30
C ALA B 83 6.43 -10.55 3.39
N ILE B 84 7.59 -9.92 3.32
CA ILE B 84 8.61 -10.12 4.34
C ILE B 84 9.12 -8.76 4.82
N ALA B 85 9.36 -8.67 6.12
CA ALA B 85 10.17 -7.62 6.72
C ALA B 85 11.49 -8.24 7.15
N GLN B 86 12.60 -7.54 6.90
CA GLN B 86 13.89 -8.06 7.29
C GLN B 86 14.91 -6.96 7.50
N ASP B 87 15.64 -7.05 8.61
CA ASP B 87 16.70 -6.10 8.89
C ASP B 87 17.69 -6.72 9.87
N ALA B 88 18.96 -6.77 9.47
CA ALA B 88 19.97 -7.48 10.24
C ALA B 88 20.32 -6.75 11.54
N ASP B 89 20.00 -5.47 11.60
CA ASP B 89 20.26 -4.69 12.80
C ASP B 89 19.03 -4.62 13.70
N GLN B 90 18.06 -5.48 13.43
CA GLN B 90 16.82 -5.54 14.21
C GLN B 90 16.05 -4.23 14.19
N ASN B 91 16.10 -3.51 13.09
CA ASN B 91 15.27 -2.32 12.94
C ASN B 91 13.80 -2.65 12.64
N TYR B 92 12.90 -1.78 13.09
CA TYR B 92 11.51 -1.83 12.64
C TYR B 92 11.46 -1.83 11.12
N ASP B 93 10.60 -2.68 10.56
CA ASP B 93 10.33 -2.68 9.12
C ASP B 93 9.00 -3.38 8.86
N TYR B 94 8.43 -3.19 7.67
CA TYR B 94 7.07 -3.64 7.41
C TYR B 94 6.94 -4.78 6.43
N ALA B 95 6.02 -5.69 6.73
CA ALA B 95 5.57 -6.67 5.74
C ALA B 95 4.20 -6.22 5.24
N SER B 96 4.14 -5.77 3.99
CA SER B 96 2.92 -5.18 3.46
C SER B 96 2.66 -5.63 2.03
N ASN B 97 1.40 -5.85 1.69
CA ASN B 97 1.03 -6.19 0.32
C ASN B 97 -0.45 -5.89 0.09
N SER B 98 -0.92 -6.09 -1.14
CA SER B 98 -2.29 -5.74 -1.56
C SER B 98 -2.75 -6.75 -2.58
N VAL B 99 -4.04 -7.08 -2.56
CA VAL B 99 -4.62 -7.99 -3.56
C VAL B 99 -5.96 -7.51 -4.06
N ILE B 100 -6.39 -8.10 -5.17
CA ILE B 100 -7.78 -8.02 -5.58
C ILE B 100 -8.22 -9.45 -5.88
N LEU B 101 -9.30 -9.87 -5.22
CA LEU B 101 -9.73 -11.26 -5.25
C LEU B 101 -11.21 -11.36 -5.53
N HIS B 102 -11.60 -12.40 -6.26
CA HIS B 102 -13.00 -12.78 -6.25
C HIS B 102 -13.28 -13.65 -5.03
N LEU B 103 -14.43 -13.40 -4.40
CA LEU B 103 -14.87 -14.23 -3.28
C LEU B 103 -16.29 -14.73 -3.49
N ASP B 104 -16.51 -15.99 -3.16
CA ASP B 104 -17.84 -16.57 -3.02
C ASP B 104 -18.32 -16.37 -1.60
N ALA B 105 -19.63 -16.47 -1.40
CA ALA B 105 -20.19 -16.40 -0.05
C ALA B 105 -19.54 -17.50 0.78
N GLY B 106 -19.10 -17.14 1.98
CA GLY B 106 -18.43 -18.08 2.88
C GLY B 106 -16.90 -18.06 2.85
N ASP B 107 -16.31 -17.54 1.77
CA ASP B 107 -14.85 -17.51 1.69
C ASP B 107 -14.26 -16.63 2.79
N GLU B 108 -13.14 -17.09 3.34
CA GLU B 108 -12.46 -16.39 4.41
C GLU B 108 -11.18 -15.77 3.91
N VAL B 109 -10.95 -14.54 4.31
CA VAL B 109 -9.72 -13.83 3.99
C VAL B 109 -9.13 -13.30 5.29
N PHE B 110 -7.82 -13.46 5.45
CA PHE B 110 -7.16 -13.06 6.67
C PHE B 110 -5.66 -12.94 6.44
N ILE B 111 -5.00 -12.30 7.40
CA ILE B 111 -3.55 -12.20 7.38
C ILE B 111 -2.95 -13.22 8.35
N LYS B 112 -2.01 -14.02 7.86
CA LYS B 112 -1.30 -14.98 8.68
C LYS B 112 0.15 -14.57 8.85
N LEU B 113 0.62 -14.54 10.10
CA LEU B 113 2.04 -14.50 10.36
C LEU B 113 2.65 -15.80 9.91
N ASP B 114 3.81 -15.73 9.28
CA ASP B 114 4.48 -16.93 8.84
C ASP B 114 5.92 -16.95 9.35
N GLY B 115 6.07 -16.72 10.65
CA GLY B 115 7.37 -16.64 11.27
C GLY B 115 7.67 -15.21 11.69
N GLY B 116 8.27 -15.06 12.87
CA GLY B 116 8.73 -13.76 13.32
C GLY B 116 7.78 -13.05 14.27
N LYS B 117 8.13 -11.82 14.61
CA LYS B 117 7.42 -11.10 15.67
C LYS B 117 6.81 -9.82 15.16
N ALA B 118 5.54 -9.64 15.48
CA ALA B 118 4.82 -8.48 15.01
C ALA B 118 4.50 -7.53 16.15
N HIS B 119 4.48 -6.24 15.85
CA HIS B 119 4.05 -5.24 16.84
C HIS B 119 2.54 -5.00 16.81
N GLY B 120 1.96 -4.90 17.99
CA GLY B 120 0.60 -4.40 18.14
C GLY B 120 0.56 -3.53 19.38
N GLY B 121 -0.24 -2.46 19.36
CA GLY B 121 -0.41 -1.57 20.50
C GLY B 121 -1.77 -0.92 20.49
N ASN B 122 -2.11 -0.13 21.50
CA ASN B 122 -3.51 0.20 21.71
C ASN B 122 -4.19 1.17 20.76
N SER B 123 -3.55 2.30 20.46
CA SER B 123 -4.25 3.38 19.76
C SER B 123 -3.62 3.76 18.43
N ASN B 124 -2.32 3.54 18.31
CA ASN B 124 -1.56 4.10 17.18
C ASN B 124 -1.79 3.44 15.83
N LYS B 125 -2.28 2.20 15.83
CA LYS B 125 -2.55 1.47 14.58
C LYS B 125 -1.35 1.44 13.62
N TYR B 126 -0.20 1.02 14.14
CA TYR B 126 0.96 0.77 13.25
C TYR B 126 0.71 -0.41 12.31
N SER B 127 0.06 -1.46 12.82
CA SER B 127 -0.18 -2.68 12.06
C SER B 127 -1.66 -2.77 11.71
N THR B 128 -1.96 -2.89 10.41
CA THR B 128 -3.32 -2.73 9.93
C THR B 128 -3.73 -3.70 8.84
N PHE B 129 -5.05 -3.81 8.68
CA PHE B 129 -5.69 -4.69 7.71
C PHE B 129 -6.96 -4.00 7.25
N SER B 130 -7.15 -3.84 5.94
CA SER B 130 -8.37 -3.23 5.44
CA SER B 130 -8.37 -3.22 5.43
C SER B 130 -8.78 -3.84 4.11
N GLY B 131 -10.06 -3.70 3.77
CA GLY B 131 -10.55 -4.24 2.54
C GLY B 131 -11.89 -3.64 2.21
N PHE B 132 -12.30 -3.73 0.95
CA PHE B 132 -13.63 -3.26 0.59
C PHE B 132 -14.09 -3.95 -0.68
N ILE B 133 -15.39 -4.08 -0.85
CA ILE B 133 -15.93 -4.65 -2.09
C ILE B 133 -15.80 -3.61 -3.21
N ILE B 134 -15.34 -4.06 -4.37
CA ILE B 134 -15.30 -3.23 -5.57
C ILE B 134 -16.53 -3.51 -6.43
N TYR B 135 -16.86 -4.78 -6.60
CA TYR B 135 -18.01 -5.20 -7.40
C TYR B 135 -18.80 -6.32 -6.75
N SER B 136 -20.12 -6.28 -6.93
CA SER B 136 -20.95 -7.42 -6.59
C SER B 136 -21.05 -8.34 -7.81
N ASP B 137 -21.03 -9.64 -7.60
CA ASP B 137 -21.40 -10.56 -8.68
C ASP B 137 -22.85 -10.29 -9.11
N ARG C 8 -17.92 12.34 -7.02
CA ARG C 8 -16.60 12.01 -7.57
C ARG C 8 -15.50 12.78 -6.85
N VAL C 9 -14.82 12.07 -5.96
CA VAL C 9 -13.80 12.67 -5.10
C VAL C 9 -12.60 11.74 -5.05
N ALA C 10 -11.48 12.17 -5.61
CA ALA C 10 -10.28 11.36 -5.54
C ALA C 10 -9.06 12.23 -5.80
N PHE C 11 -7.98 11.99 -5.08
CA PHE C 11 -6.78 12.79 -5.24
C PHE C 11 -5.52 11.94 -5.11
N TYR C 12 -4.44 12.44 -5.71
CA TYR C 12 -3.15 11.81 -5.60
C TYR C 12 -2.10 12.89 -5.77
N ALA C 13 -1.16 12.98 -4.83
CA ALA C 13 -0.11 14.00 -4.90
C ALA C 13 1.22 13.53 -4.31
N GLY C 14 2.30 14.12 -4.82
CA GLY C 14 3.64 13.85 -4.32
C GLY C 14 4.26 14.99 -3.53
N LEU C 15 5.29 14.68 -2.74
CA LEU C 15 6.06 15.69 -2.02
C LEU C 15 7.11 16.28 -2.96
N LYS C 16 7.12 17.60 -3.13
CA LYS C 16 8.13 18.24 -3.97
C LYS C 16 9.38 18.65 -3.23
N ASN C 17 9.27 18.74 -1.91
CA ASN C 17 10.33 19.34 -1.13
C ASN C 17 10.58 18.55 0.16
N PRO C 18 11.81 18.64 0.70
CA PRO C 18 12.09 17.95 1.96
C PRO C 18 11.38 18.58 3.14
N HIS C 19 10.94 17.75 4.08
CA HIS C 19 10.37 18.23 5.32
C HIS C 19 10.89 17.38 6.46
N GLU C 20 10.72 17.88 7.68
CA GLU C 20 11.38 17.28 8.82
C GLU C 20 10.63 17.64 10.10
N GLY C 21 10.87 16.88 11.17
CA GLY C 21 10.32 17.25 12.45
C GLY C 21 8.92 16.70 12.70
N TYR C 22 7.98 17.59 13.06
CA TYR C 22 6.66 17.16 13.55
C TYR C 22 5.54 17.85 12.78
N GLU C 23 5.84 18.30 11.57
CA GLU C 23 4.93 19.11 10.75
C GLU C 23 4.02 18.28 9.87
N VAL C 24 2.94 18.91 9.42
CA VAL C 24 2.08 18.34 8.39
C VAL C 24 2.84 18.35 7.07
N LEU C 25 2.76 17.24 6.34
CA LEU C 25 3.41 17.14 5.04
C LEU C 25 2.58 17.80 3.94
N LYS C 26 3.20 18.71 3.20
CA LYS C 26 2.49 19.40 2.13
C LYS C 26 2.83 18.72 0.79
N PHE C 27 2.02 17.74 0.41
CA PHE C 27 2.17 17.10 -0.88
C PHE C 27 1.68 18.07 -1.94
N ASP C 28 2.59 18.64 -2.72
CA ASP C 28 2.20 19.72 -3.61
C ASP C 28 2.55 19.48 -5.07
N ASP C 29 2.93 18.24 -5.39
CA ASP C 29 3.05 17.81 -6.77
C ASP C 29 1.75 17.08 -7.08
N VAL C 30 0.74 17.84 -7.52
CA VAL C 30 -0.63 17.31 -7.60
C VAL C 30 -0.89 16.68 -8.96
N VAL C 31 -1.21 15.39 -8.94
CA VAL C 31 -1.48 14.66 -10.18
C VAL C 31 -2.98 14.57 -10.44
N THR C 32 -3.73 14.28 -9.38
CA THR C 32 -5.16 14.08 -9.49
C THR C 32 -5.84 14.79 -8.31
N ASN C 33 -6.96 15.48 -8.56
CA ASN C 33 -7.66 16.17 -7.49
C ASN C 33 -9.12 16.39 -7.90
N LEU C 34 -9.81 15.29 -8.17
CA LEU C 34 -11.22 15.35 -8.54
C LEU C 34 -12.02 15.85 -7.36
N GLY C 35 -12.80 16.91 -7.56
CA GLY C 35 -13.60 17.49 -6.49
C GLY C 35 -12.87 18.63 -5.80
N ASN C 36 -11.57 18.73 -6.05
CA ASN C 36 -10.74 19.81 -5.50
C ASN C 36 -10.84 19.91 -3.97
N ASN C 37 -10.81 18.77 -3.30
CA ASN C 37 -10.93 18.77 -1.85
C ASN C 37 -9.59 18.56 -1.16
N TYR C 38 -8.54 18.30 -1.94
CA TYR C 38 -7.20 18.29 -1.37
C TYR C 38 -6.52 19.63 -1.61
N ASP C 39 -5.82 20.13 -0.60
CA ASP C 39 -5.23 21.46 -0.69
C ASP C 39 -3.71 21.38 -0.60
N ALA C 40 -3.03 21.64 -1.72
CA ALA C 40 -1.58 21.50 -1.79
C ALA C 40 -0.89 22.50 -0.88
N ALA C 41 -1.53 23.65 -0.65
CA ALA C 41 -0.93 24.69 0.17
C ALA C 41 -0.85 24.27 1.65
N SER C 42 -1.71 23.36 2.04
CA SER C 42 -1.76 22.97 3.45
C SER C 42 -1.42 21.49 3.68
N GLY C 43 -1.50 20.69 2.62
CA GLY C 43 -1.37 19.25 2.72
C GLY C 43 -2.61 18.56 3.28
N LYS C 44 -3.72 19.28 3.39
CA LYS C 44 -4.92 18.69 4.00
C LYS C 44 -6.01 18.35 2.99
N PHE C 45 -6.62 17.18 3.17
CA PHE C 45 -7.88 16.87 2.51
C PHE C 45 -9.00 17.34 3.43
N THR C 46 -9.84 18.21 2.93
CA THR C 46 -11.00 18.66 3.70
C THR C 46 -12.27 18.12 3.06
N CYS C 47 -13.00 17.31 3.81
CA CYS C 47 -14.22 16.69 3.30
C CYS C 47 -15.31 17.72 2.94
N ASN C 48 -15.84 17.59 1.73
CA ASN C 48 -17.04 18.30 1.32
C ASN C 48 -18.20 17.33 1.29
N ILE C 49 -17.99 16.20 0.62
CA ILE C 49 -19.00 15.15 0.50
C ILE C 49 -18.87 14.13 1.63
N PRO C 50 -19.79 14.14 2.60
CA PRO C 50 -19.70 13.23 3.74
C PRO C 50 -19.79 11.77 3.31
N GLY C 51 -19.02 10.89 3.95
CA GLY C 51 -19.09 9.48 3.62
C GLY C 51 -17.87 8.71 4.08
N THR C 52 -17.67 7.55 3.46
CA THR C 52 -16.63 6.60 3.83
C THR C 52 -15.51 6.71 2.82
N TYR C 53 -14.29 6.92 3.29
CA TYR C 53 -13.13 7.22 2.44
C TYR C 53 -11.97 6.27 2.66
N PHE C 54 -11.28 5.94 1.57
CA PHE C 54 -9.99 5.23 1.62
C PHE C 54 -8.86 6.24 1.48
N PHE C 55 -7.82 6.08 2.29
CA PHE C 55 -6.61 6.89 2.13
C PHE C 55 -5.40 6.00 2.26
N THR C 56 -4.33 6.38 1.57
CA THR C 56 -3.09 5.65 1.69
C THR C 56 -1.91 6.60 1.53
N TYR C 57 -0.80 6.26 2.14
CA TYR C 57 0.35 7.13 2.06
C TYR C 57 1.65 6.34 2.06
N HIS C 58 2.66 6.94 1.42
CA HIS C 58 3.99 6.36 1.27
C HIS C 58 5.01 7.46 1.43
N VAL C 59 5.63 7.55 2.60
CA VAL C 59 6.60 8.62 2.82
C VAL C 59 8.01 8.05 2.89
N LEU C 60 8.86 8.50 1.98
CA LEU C 60 10.26 8.09 1.92
C LEU C 60 11.14 8.82 2.93
N MET C 61 11.73 8.06 3.85
CA MET C 61 12.69 8.64 4.78
C MET C 61 13.96 9.07 4.04
N ARG C 62 14.41 10.29 4.33
CA ARG C 62 15.64 10.82 3.76
CA ARG C 62 15.64 10.82 3.76
C ARG C 62 16.82 9.93 4.15
N GLY C 63 17.66 9.57 3.19
CA GLY C 63 18.76 8.69 3.53
C GLY C 63 19.99 9.48 3.95
N GLY C 64 20.81 8.92 4.83
CA GLY C 64 22.05 9.59 5.20
C GLY C 64 22.31 9.91 6.66
N ASP C 65 21.26 10.03 7.47
CA ASP C 65 21.42 10.35 8.89
C ASP C 65 20.07 10.27 9.62
N GLY C 66 20.09 10.09 10.95
CA GLY C 66 18.87 10.18 11.73
C GLY C 66 18.19 8.87 12.06
N THR C 67 18.53 7.81 11.31
CA THR C 67 18.09 6.44 11.59
C THR C 67 16.59 6.18 11.42
N SER C 68 15.75 7.02 12.02
CA SER C 68 14.30 6.75 12.02
C SER C 68 13.46 7.93 11.57
N MET C 69 12.28 7.63 11.05
CA MET C 69 11.31 8.64 10.65
C MET C 69 9.89 8.10 10.89
N TRP C 70 9.00 8.92 11.46
CA TRP C 70 7.61 8.54 11.71
C TRP C 70 6.66 9.42 10.93
N ALA C 71 5.66 8.79 10.33
CA ALA C 71 4.63 9.52 9.60
C ALA C 71 3.27 8.92 9.93
N ASP C 72 2.36 9.75 10.42
CA ASP C 72 1.03 9.29 10.84
C ASP C 72 -0.05 9.96 10.05
N LEU C 73 -1.10 9.20 9.72
CA LEU C 73 -2.29 9.78 9.10
C LEU C 73 -3.26 10.23 10.20
N CYS C 74 -3.65 11.51 10.16
CA CYS C 74 -4.48 12.08 11.20
C CYS C 74 -5.84 12.46 10.65
N LYS C 75 -6.88 12.32 11.47
CA LYS C 75 -8.19 12.87 11.18
C LYS C 75 -8.50 13.92 12.24
N ASN C 76 -8.64 15.17 11.81
CA ASN C 76 -8.84 16.27 12.74
C ASN C 76 -7.83 16.29 13.88
N GLY C 77 -6.58 15.98 13.56
CA GLY C 77 -5.49 16.00 14.52
C GLY C 77 -5.37 14.75 15.36
N GLN C 78 -6.26 13.79 15.16
CA GLN C 78 -6.21 12.52 15.90
C GLN C 78 -5.65 11.40 15.01
N VAL C 79 -4.72 10.64 15.57
CA VAL C 79 -4.04 9.59 14.80
C VAL C 79 -5.00 8.48 14.41
N ARG C 80 -5.02 8.13 13.13
CA ARG C 80 -5.85 7.02 12.67
C ARG C 80 -5.01 5.88 12.12
N ALA C 81 -3.75 6.18 11.76
CA ALA C 81 -2.78 5.16 11.40
C ALA C 81 -1.41 5.75 11.62
N SER C 82 -0.46 4.89 11.94
CA SER C 82 0.91 5.32 12.15
C SER C 82 1.87 4.46 11.35
N ALA C 83 3.05 5.02 11.03
CA ALA C 83 4.07 4.24 10.36
C ALA C 83 5.45 4.71 10.77
N ILE C 84 6.40 3.79 10.73
CA ILE C 84 7.81 4.12 10.96
C ILE C 84 8.66 3.59 9.83
N ALA C 85 9.70 4.34 9.50
CA ALA C 85 10.78 3.90 8.64
C ALA C 85 12.02 3.92 9.52
N GLN C 86 12.85 2.88 9.45
CA GLN C 86 14.02 2.84 10.32
C GLN C 86 15.14 2.00 9.70
N ASP C 87 16.35 2.56 9.69
CA ASP C 87 17.48 1.80 9.23
C ASP C 87 18.76 2.34 9.85
N ALA C 88 19.44 1.49 10.60
CA ALA C 88 20.59 1.90 11.39
C ALA C 88 21.79 2.25 10.51
N ASP C 89 21.80 1.76 9.27
CA ASP C 89 22.87 2.12 8.34
C ASP C 89 22.58 3.40 7.56
N GLN C 90 21.45 4.03 7.90
CA GLN C 90 21.00 5.31 7.33
C GLN C 90 20.50 5.16 5.90
N ASN C 91 20.00 3.97 5.56
CA ASN C 91 19.47 3.73 4.22
C ASN C 91 18.08 4.33 4.09
N TYR C 92 17.70 4.63 2.87
CA TYR C 92 16.31 4.92 2.55
C TYR C 92 15.37 3.80 2.98
N ASP C 93 14.20 4.18 3.50
CA ASP C 93 13.13 3.23 3.79
C ASP C 93 11.81 3.98 3.87
N TYR C 94 10.70 3.25 3.82
CA TYR C 94 9.39 3.89 3.74
C TYR C 94 8.54 3.79 5.00
N ALA C 95 7.85 4.88 5.33
CA ALA C 95 6.77 4.82 6.31
C ALA C 95 5.45 4.89 5.54
N SER C 96 4.71 3.78 5.52
CA SER C 96 3.47 3.71 4.74
C SER C 96 2.32 3.02 5.47
N ASN C 97 1.10 3.45 5.19
CA ASN C 97 -0.07 2.79 5.75
C ASN C 97 -1.31 3.18 4.96
N SER C 98 -2.44 2.51 5.26
CA SER C 98 -3.71 2.70 4.57
C SER C 98 -4.83 2.68 5.59
N VAL C 99 -5.92 3.42 5.32
CA VAL C 99 -7.06 3.45 6.24
C VAL C 99 -8.38 3.46 5.48
N ILE C 100 -9.47 3.12 6.19
CA ILE C 100 -10.80 3.46 5.73
C ILE C 100 -11.53 4.16 6.87
N LEU C 101 -12.02 5.37 6.60
CA LEU C 101 -12.55 6.25 7.64
C LEU C 101 -13.87 6.86 7.25
N HIS C 102 -14.64 7.30 8.26
CA HIS C 102 -15.78 8.14 7.97
C HIS C 102 -15.39 9.61 8.06
N LEU C 103 -15.86 10.43 7.13
CA LEU C 103 -15.65 11.86 7.24
C LEU C 103 -16.96 12.63 7.16
N ASP C 104 -17.14 13.54 8.11
CA ASP C 104 -18.18 14.54 8.04
C ASP C 104 -17.67 15.68 7.19
N ALA C 105 -18.58 16.48 6.62
CA ALA C 105 -18.19 17.73 5.98
C ALA C 105 -17.37 18.58 6.95
N GLY C 106 -16.23 19.09 6.48
CA GLY C 106 -15.36 19.88 7.33
C GLY C 106 -14.21 19.10 7.95
N ASP C 107 -14.37 17.79 8.07
CA ASP C 107 -13.30 16.94 8.61
C ASP C 107 -12.03 17.04 7.77
N GLU C 108 -10.89 17.09 8.46
CA GLU C 108 -9.57 17.18 7.81
C GLU C 108 -8.77 15.90 7.97
N VAL C 109 -8.11 15.51 6.90
CA VAL C 109 -7.23 14.34 6.89
C VAL C 109 -5.88 14.76 6.29
N PHE C 110 -4.80 14.37 6.95
CA PHE C 110 -3.48 14.77 6.51
C PHE C 110 -2.45 13.81 7.07
N ILE C 111 -1.26 13.84 6.48
CA ILE C 111 -0.13 13.11 7.01
C ILE C 111 0.75 14.05 7.82
N LYS C 112 1.08 13.63 9.04
CA LYS C 112 1.95 14.40 9.91
C LYS C 112 3.20 13.62 10.29
N LEU C 113 4.36 14.25 10.19
CA LEU C 113 5.59 13.68 10.75
C LEU C 113 5.56 13.63 12.26
N ASP C 114 6.19 12.61 12.83
CA ASP C 114 6.33 12.54 14.28
C ASP C 114 7.78 12.21 14.61
N GLY C 115 8.69 13.00 14.02
CA GLY C 115 10.11 12.83 14.17
C GLY C 115 10.76 12.35 12.88
N GLY C 116 11.95 12.86 12.57
CA GLY C 116 12.69 12.37 11.41
C GLY C 116 12.56 13.22 10.15
N LYS C 117 13.22 12.76 9.09
CA LYS C 117 13.32 13.54 7.84
C LYS C 117 12.74 12.75 6.67
N ALA C 118 11.88 13.40 5.90
CA ALA C 118 11.27 12.77 4.71
C ALA C 118 11.90 13.33 3.46
N HIS C 119 12.18 12.55 2.43
CA HIS C 119 12.49 13.26 1.19
C HIS C 119 11.34 13.69 0.32
N GLY C 120 11.58 14.88 -0.21
CA GLY C 120 10.76 15.48 -1.19
C GLY C 120 11.54 15.68 -2.48
N GLY C 121 10.98 15.20 -3.59
CA GLY C 121 11.64 15.23 -4.89
C GLY C 121 10.83 16.03 -5.87
N ASN C 122 11.54 16.79 -6.67
CA ASN C 122 10.90 17.87 -7.37
C ASN C 122 9.96 17.40 -8.49
N SER C 123 10.05 16.13 -8.90
CA SER C 123 9.08 15.59 -9.86
C SER C 123 8.88 14.07 -9.81
N ASN C 124 9.60 13.37 -8.96
CA ASN C 124 9.66 11.92 -9.11
C ASN C 124 8.61 11.18 -8.30
N LYS C 125 7.90 11.89 -7.43
CA LYS C 125 6.78 11.32 -6.68
C LYS C 125 7.18 10.06 -5.91
N TYR C 126 8.31 10.12 -5.23
CA TYR C 126 8.69 9.08 -4.29
C TYR C 126 7.80 9.05 -3.06
N SER C 127 7.41 10.23 -2.58
CA SER C 127 6.60 10.36 -1.36
C SER C 127 5.19 10.85 -1.69
N THR C 128 4.19 10.03 -1.33
CA THR C 128 2.84 10.26 -1.85
C THR C 128 1.72 10.13 -0.85
N PHE C 129 0.58 10.69 -1.23
CA PHE C 129 -0.64 10.72 -0.46
C PHE C 129 -1.80 10.61 -1.46
N SER C 130 -2.75 9.71 -1.22
CA SER C 130 -3.91 9.63 -2.08
CA SER C 130 -3.89 9.51 -2.10
C SER C 130 -5.13 9.14 -1.31
N GLY C 131 -6.28 9.32 -1.93
CA GLY C 131 -7.52 8.96 -1.26
C GLY C 131 -8.68 9.12 -2.21
N PHE C 132 -9.77 8.42 -1.91
CA PHE C 132 -11.00 8.57 -2.70
C PHE C 132 -12.19 8.17 -1.86
N ILE C 133 -13.37 8.64 -2.26
CA ILE C 133 -14.57 8.30 -1.54
C ILE C 133 -15.07 6.91 -1.98
N ILE C 134 -15.36 6.06 -1.01
CA ILE C 134 -15.92 4.75 -1.30
C ILE C 134 -17.45 4.83 -1.36
N TYR C 135 -18.04 5.41 -0.30
CA TYR C 135 -19.49 5.59 -0.18
C TYR C 135 -19.84 7.00 0.28
N SER C 136 -20.92 7.55 -0.27
CA SER C 136 -21.48 8.78 0.27
C SER C 136 -22.47 8.41 1.36
N ASP C 137 -22.51 9.20 2.43
CA ASP C 137 -23.49 8.99 3.49
C ASP C 137 -24.90 9.08 2.91
CD CD D . 23.99 -2.96 9.18
CD CD E . 14.45 -1.72 5.65
CD CD F . 10.66 -1.26 4.21
CD CD G . 22.13 -11.60 -12.51
CD CD H . 13.21 6.22 -11.69
CD CD I . 16.62 5.58 -14.36
CD CD J . 13.94 -14.42 -5.11
CD CD K . 10.07 -2.50 -22.85
CD CD L . -1.90 11.71 -23.62
CD CD M . 19.15 -2.33 7.38
CD CD N . -0.90 -14.84 19.28
CD CD O . 7.96 -14.24 22.48
CD CD P . 5.17 -21.38 6.28
CD CD Q . 2.17 -13.69 22.26
CD CD R . 4.44 -17.79 3.57
CD CD S . 2.89 9.19 16.30
CD CD T . -22.01 13.32 11.15
CD CD U . 15.99 14.05 -0.99
#